data_8OGX
#
_entry.id   8OGX
#
_cell.length_a   82.999
_cell.length_b   44.658
_cell.length_c   137.023
_cell.angle_alpha   90.00
_cell.angle_beta   97.46
_cell.angle_gamma   90.00
#
_symmetry.space_group_name_H-M   'I 1 2 1'
#
loop_
_entity.id
_entity.type
_entity.pdbx_description
1 polymer 'beta-glucuronidase from Acidobacterium capsulatum'
2 non-polymer '(3~{S},4~{S})-4,5,5-tris(oxidanyl)piperidine-3-carboxylic acid'
3 non-polymer 'PHOSPHATE ION'
4 water water
#
_entity_poly.entity_id   1
_entity_poly.type   'polypeptide(L)'
_entity_poly.pdbx_seq_one_letter_code
;MAFARGGLAQTASQTTSSPVRVGLSVDASALGHTIPPDYTGLSYEQAQMANPNYFSGANTQLAGFLRTLGRQGVLRIGGN
TSEYTFWNRHAKPTAADEHLAAGPDKGHHAAAREVITPEAVNNLSEFLDKTGWKLIYGLNLGKGTPENAADEAAYVMETI
GADRLLAFQLGNEPDLFYRNGIRPASYDFAAYAGDWQRFFTAIRKRVPNAPFAGPDTAYNTKWLVPFADKFKHDVKFISS
HYYAEGPPTDPSMTIERLMKPNPRLLGETAGLKQVEADTGLPFRLTETNSCYQGGKQGVSDTFAAALWAGDLMYQQAAAG
STGINFHGGGYGWYTPVAGTPEDGFIARPEYYGMLLFAQAGAGQLLGAKLTDNSAAPLLTAYALRGTDGRTRIALFNKNL
DADVEVAISGVASPSGTVLRLEAPRADDTTDVTFGGAPVGASGSWSPLVQEYVPGHSGQFVLHMRKASGALLEFA
;
_entity_poly.pdbx_strand_id   A
#
loop_
_chem_comp.id
_chem_comp.type
_chem_comp.name
_chem_comp.formula
PO4 non-polymer 'PHOSPHATE ION' 'O4 P -3'
VGO non-polymer '(3~{S},4~{S})-4,5,5-tris(oxidanyl)piperidine-3-carboxylic acid' 'C6 H11 N O5'
#
# COMPACT_ATOMS: atom_id res chain seq x y z
N SER A 18 -22.80 -24.08 14.26
CA SER A 18 -21.54 -24.28 15.03
C SER A 18 -20.33 -23.82 14.21
N PRO A 19 -19.23 -23.40 14.89
CA PRO A 19 -18.01 -22.99 14.21
C PRO A 19 -17.38 -24.16 13.43
N VAL A 20 -16.73 -23.84 12.31
CA VAL A 20 -15.83 -24.80 11.60
C VAL A 20 -14.54 -24.95 12.43
N ARG A 21 -14.20 -26.20 12.74
CA ARG A 21 -13.08 -26.56 13.64
C ARG A 21 -11.85 -26.78 12.77
N VAL A 22 -10.96 -25.81 12.72
CA VAL A 22 -9.75 -25.89 11.84
C VAL A 22 -8.53 -26.04 12.73
N GLY A 23 -7.47 -26.64 12.19
CA GLY A 23 -6.16 -26.78 12.82
C GLY A 23 -5.16 -25.83 12.19
N LEU A 24 -4.35 -25.21 13.02
CA LEU A 24 -3.30 -24.27 12.53
C LEU A 24 -2.02 -24.78 13.16
N SER A 25 -1.07 -25.20 12.31
CA SER A 25 0.27 -25.69 12.75
C SER A 25 1.34 -24.68 12.37
N VAL A 26 1.96 -24.07 13.39
CA VAL A 26 3.10 -23.13 13.24
C VAL A 26 4.41 -23.94 13.27
N ASP A 27 5.29 -23.69 12.33
CA ASP A 27 6.54 -24.45 12.13
C ASP A 27 7.67 -23.44 12.06
N ALA A 28 8.35 -23.31 13.20
CA ALA A 28 9.44 -22.36 13.46
C ALA A 28 10.66 -22.67 12.60
N SER A 29 10.74 -23.87 12.02
N SER A 29 10.72 -23.90 12.06
CA SER A 29 11.86 -24.31 11.16
CA SER A 29 11.78 -24.43 11.18
C SER A 29 11.53 -24.10 9.68
C SER A 29 11.56 -23.98 9.73
N ALA A 30 10.31 -23.66 9.36
CA ALA A 30 9.89 -23.38 7.96
C ALA A 30 10.01 -21.88 7.69
N LEU A 31 11.24 -21.39 7.48
CA LEU A 31 11.59 -19.95 7.40
C LEU A 31 11.10 -19.37 6.07
N GLY A 32 10.27 -18.31 6.14
CA GLY A 32 9.86 -17.55 4.94
C GLY A 32 10.65 -16.25 4.84
N HIS A 33 10.11 -15.25 4.16
CA HIS A 33 10.79 -13.93 4.01
C HIS A 33 10.77 -13.15 5.34
N THR A 34 11.84 -12.36 5.55
CA THR A 34 11.96 -11.34 6.62
C THR A 34 11.26 -10.07 6.11
N ILE A 35 10.23 -9.63 6.83
CA ILE A 35 9.49 -8.39 6.51
C ILE A 35 10.38 -7.20 6.86
N PRO A 36 10.71 -6.31 5.89
CA PRO A 36 11.51 -5.13 6.15
C PRO A 36 10.73 -4.11 6.99
N PRO A 37 11.43 -3.23 7.75
CA PRO A 37 10.76 -2.24 8.63
C PRO A 37 10.02 -1.11 7.89
N ASP A 38 10.31 -0.92 6.60
CA ASP A 38 9.66 0.08 5.72
C ASP A 38 8.74 -0.62 4.71
N TYR A 39 8.18 -1.78 5.06
CA TYR A 39 7.27 -2.55 4.18
C TYR A 39 6.02 -1.69 3.91
N THR A 40 5.41 -1.11 4.94
CA THR A 40 4.09 -0.41 4.79
C THR A 40 4.24 0.88 3.98
N GLY A 41 3.10 1.37 3.52
CA GLY A 41 3.10 2.64 2.82
C GLY A 41 1.74 2.98 2.26
N LEU A 42 1.68 4.20 1.76
CA LEU A 42 0.50 4.84 1.14
C LEU A 42 0.95 5.40 -0.21
N SER A 43 0.02 5.48 -1.17
CA SER A 43 0.16 6.20 -2.45
C SER A 43 -0.90 7.31 -2.51
N TYR A 44 -0.50 8.49 -3.00
CA TYR A 44 -1.37 9.65 -3.28
C TYR A 44 -1.17 10.15 -4.72
N GLU A 45 -2.15 10.92 -5.15
CA GLU A 45 -2.15 11.63 -6.45
C GLU A 45 -1.17 12.80 -6.37
N GLN A 46 -0.30 12.93 -7.37
CA GLN A 46 0.66 14.06 -7.51
C GLN A 46 -0.08 15.39 -7.53
N ALA A 47 -1.35 15.43 -7.95
CA ALA A 47 -2.14 16.70 -7.91
C ALA A 47 -2.11 17.26 -6.47
N GLN A 48 -2.00 16.41 -5.45
CA GLN A 48 -2.11 16.87 -4.04
C GLN A 48 -0.94 17.80 -3.71
N MET A 49 0.21 17.69 -4.43
CA MET A 49 1.41 18.53 -4.23
C MET A 49 1.10 19.98 -4.63
N ALA A 50 -0.04 20.26 -5.26
CA ALA A 50 -0.43 21.63 -5.62
C ALA A 50 -0.84 22.42 -4.37
N ASN A 51 -1.16 21.70 -3.29
CA ASN A 51 -1.58 22.25 -1.98
C ASN A 51 -0.42 22.08 -1.00
N PRO A 52 0.39 23.13 -0.76
CA PRO A 52 1.54 23.01 0.15
C PRO A 52 1.10 22.82 1.62
N ASN A 53 -0.19 22.99 1.93
CA ASN A 53 -0.73 22.73 3.29
C ASN A 53 -0.89 21.23 3.56
N TYR A 54 -0.89 20.39 2.53
CA TYR A 54 -1.32 18.99 2.69
C TYR A 54 -0.16 18.14 3.22
N PHE A 55 0.88 17.96 2.40
CA PHE A 55 2.13 17.28 2.79
C PHE A 55 3.01 18.37 3.41
N SER A 56 2.76 18.66 4.70
CA SER A 56 3.37 19.80 5.44
C SER A 56 3.67 19.40 6.88
N GLY A 57 4.82 19.85 7.37
CA GLY A 57 5.09 19.89 8.82
C GLY A 57 3.91 20.37 9.66
N ALA A 58 3.03 21.21 9.13
CA ALA A 58 1.89 21.72 9.92
C ALA A 58 0.71 20.73 9.89
N ASN A 59 0.74 19.73 9.03
CA ASN A 59 -0.37 18.73 8.93
C ASN A 59 -0.09 17.67 9.99
N THR A 60 -0.21 18.04 11.26
CA THR A 60 0.14 17.16 12.40
C THR A 60 -0.83 15.97 12.42
N GLN A 61 -2.05 16.16 11.95
CA GLN A 61 -3.10 15.11 11.96
C GLN A 61 -2.68 13.98 11.01
N LEU A 62 -2.43 14.30 9.73
CA LEU A 62 -2.10 13.27 8.71
C LEU A 62 -0.80 12.58 9.12
N ALA A 63 0.17 13.34 9.64
CA ALA A 63 1.47 12.80 10.10
C ALA A 63 1.25 11.71 11.15
N GLY A 64 0.33 11.93 12.11
CA GLY A 64 0.04 10.99 13.20
C GLY A 64 -0.50 9.67 12.68
N PHE A 65 -1.38 9.76 11.68
CA PHE A 65 -1.98 8.57 11.02
C PHE A 65 -0.88 7.74 10.33
N LEU A 66 0.04 8.34 9.60
CA LEU A 66 1.19 7.58 9.01
C LEU A 66 2.06 6.96 10.13
N ARG A 67 2.45 7.71 11.16
CA ARG A 67 3.35 7.21 12.25
C ARG A 67 2.71 5.98 12.90
N THR A 68 1.40 5.98 13.08
CA THR A 68 0.66 4.84 13.67
C THR A 68 0.69 3.64 12.69
N LEU A 69 0.72 3.86 11.37
CA LEU A 69 0.80 2.73 10.40
C LEU A 69 2.23 2.17 10.41
N GLY A 70 3.24 2.94 10.83
CA GLY A 70 4.61 2.42 10.93
C GLY A 70 5.62 3.48 11.28
N ARG A 71 6.63 3.15 12.08
CA ARG A 71 7.71 4.11 12.37
C ARG A 71 8.56 4.29 11.10
N GLN A 72 8.58 3.26 10.26
CA GLN A 72 9.23 3.35 8.94
C GLN A 72 8.19 2.97 7.91
N GLY A 73 8.22 3.62 6.76
CA GLY A 73 7.26 3.35 5.69
C GLY A 73 7.56 4.22 4.50
N VAL A 74 6.82 4.05 3.41
CA VAL A 74 7.07 4.85 2.18
C VAL A 74 5.80 5.57 1.74
N LEU A 75 5.98 6.87 1.48
CA LEU A 75 5.00 7.72 0.81
C LEU A 75 5.37 7.72 -0.66
N ARG A 76 4.43 7.21 -1.49
CA ARG A 76 4.51 7.26 -2.96
C ARG A 76 3.54 8.33 -3.46
N ILE A 77 4.06 9.21 -4.32
CA ILE A 77 3.30 10.29 -5.00
C ILE A 77 3.34 10.04 -6.52
N GLY A 78 2.19 9.95 -7.18
CA GLY A 78 2.11 9.59 -8.62
C GLY A 78 0.69 9.65 -9.10
N GLY A 79 0.22 8.55 -9.71
CA GLY A 79 -1.16 8.38 -10.20
C GLY A 79 -1.34 9.03 -11.57
N ASN A 80 -2.56 8.97 -12.09
CA ASN A 80 -2.90 9.56 -13.41
C ASN A 80 -2.54 11.05 -13.34
N THR A 81 -2.64 11.70 -12.16
CA THR A 81 -2.47 13.17 -12.06
C THR A 81 -1.00 13.57 -12.22
N SER A 82 -0.07 12.63 -12.08
CA SER A 82 1.39 12.80 -12.38
C SER A 82 1.62 13.22 -13.83
N GLU A 83 0.71 12.98 -14.77
CA GLU A 83 0.91 13.44 -16.17
C GLU A 83 0.31 14.86 -16.34
N TYR A 84 -0.32 15.43 -15.31
CA TYR A 84 -1.06 16.70 -15.36
C TYR A 84 -0.47 17.74 -14.38
N THR A 85 0.66 17.44 -13.76
CA THR A 85 1.32 18.33 -12.76
C THR A 85 2.60 18.86 -13.36
N PHE A 86 2.79 20.15 -13.26
CA PHE A 86 3.86 20.90 -13.97
C PHE A 86 4.62 21.71 -12.93
N TRP A 87 5.74 21.15 -12.51
CA TRP A 87 6.74 21.82 -11.65
C TRP A 87 7.18 23.15 -12.27
N ASN A 88 7.32 24.18 -11.47
CA ASN A 88 7.95 25.42 -11.99
C ASN A 88 8.59 26.14 -10.81
N ARG A 89 9.87 26.49 -10.99
CA ARG A 89 10.70 27.14 -9.95
C ARG A 89 10.09 28.49 -9.54
N HIS A 90 9.33 29.19 -10.38
CA HIS A 90 8.77 30.51 -9.99
C HIS A 90 7.29 30.39 -9.66
N ALA A 91 6.71 29.20 -9.68
CA ALA A 91 5.26 28.97 -9.49
C ALA A 91 4.84 29.37 -8.09
N LYS A 92 3.60 29.80 -7.90
CA LYS A 92 2.96 29.96 -6.58
C LYS A 92 1.60 29.28 -6.69
N PRO A 93 1.03 28.78 -5.56
CA PRO A 93 -0.27 28.10 -5.62
C PRO A 93 -1.45 29.03 -5.98
N THR A 94 -2.45 28.55 -6.74
CA THR A 94 -3.77 29.23 -6.89
C THR A 94 -4.38 29.31 -5.49
N ALA A 95 -5.28 30.26 -5.24
CA ALA A 95 -6.07 30.30 -3.99
C ALA A 95 -6.87 28.99 -3.87
N ALA A 96 -7.38 28.45 -4.99
CA ALA A 96 -8.02 27.12 -5.04
C ALA A 96 -7.04 26.05 -4.55
N ASP A 97 -5.75 26.15 -4.91
CA ASP A 97 -4.70 25.15 -4.59
C ASP A 97 -4.51 25.09 -3.05
N GLU A 98 -4.54 26.21 -2.34
CA GLU A 98 -4.39 26.29 -0.86
C GLU A 98 -5.43 25.41 -0.15
N HIS A 99 -6.55 25.06 -0.81
CA HIS A 99 -7.69 24.29 -0.24
C HIS A 99 -7.90 22.94 -0.98
N LEU A 100 -7.04 22.55 -1.91
CA LEU A 100 -7.24 21.31 -2.73
C LEU A 100 -7.05 20.05 -1.87
N ALA A 101 -8.05 19.18 -1.85
CA ALA A 101 -7.93 17.77 -1.39
C ALA A 101 -8.10 16.90 -2.64
N ALA A 102 -7.01 16.40 -3.21
CA ALA A 102 -6.99 15.66 -4.49
C ALA A 102 -7.19 14.18 -4.17
N GLY A 103 -8.41 13.71 -4.39
CA GLY A 103 -8.71 12.28 -4.23
C GLY A 103 -8.24 11.48 -5.44
N PRO A 104 -8.35 10.14 -5.33
CA PRO A 104 -7.91 9.24 -6.38
C PRO A 104 -8.59 9.62 -7.69
N ASP A 105 -7.77 9.71 -8.75
CA ASP A 105 -8.25 9.97 -10.12
C ASP A 105 -9.23 8.87 -10.50
N LYS A 106 -10.43 9.23 -10.98
CA LYS A 106 -11.49 8.23 -11.29
C LYS A 106 -11.28 7.64 -12.69
N GLY A 107 -10.31 8.15 -13.45
CA GLY A 107 -9.86 7.56 -14.73
C GLY A 107 -10.95 7.55 -15.78
N HIS A 108 -11.74 8.63 -15.87
CA HIS A 108 -12.77 8.83 -16.93
C HIS A 108 -12.29 9.91 -17.91
N HIS A 109 -11.96 11.11 -17.41
CA HIS A 109 -11.53 12.27 -18.24
C HIS A 109 -10.10 12.69 -17.87
N ALA A 110 -9.49 13.54 -18.70
CA ALA A 110 -8.22 14.22 -18.39
C ALA A 110 -8.35 14.90 -17.01
N ALA A 111 -7.40 14.70 -16.12
CA ALA A 111 -7.32 15.41 -14.82
C ALA A 111 -7.10 16.90 -15.10
N ALA A 112 -7.34 17.75 -14.11
CA ALA A 112 -7.08 19.21 -14.15
C ALA A 112 -5.57 19.46 -14.12
N ARG A 113 -5.12 20.45 -14.88
N ARG A 113 -5.11 20.43 -14.89
CA ARG A 113 -3.72 20.93 -14.83
CA ARG A 113 -3.71 20.93 -14.82
C ARG A 113 -3.43 21.51 -13.44
C ARG A 113 -3.46 21.45 -13.41
N GLU A 114 -2.30 21.14 -12.83
CA GLU A 114 -1.86 21.70 -11.52
C GLU A 114 -0.39 22.08 -11.63
N VAL A 115 0.01 23.06 -10.84
N VAL A 115 0.02 23.12 -10.90
CA VAL A 115 1.43 23.51 -10.77
CA VAL A 115 1.45 23.47 -10.77
C VAL A 115 2.03 23.07 -9.41
C VAL A 115 1.98 22.90 -9.45
N ILE A 116 3.29 22.64 -9.40
CA ILE A 116 4.02 22.26 -8.17
C ILE A 116 5.12 23.30 -7.95
N THR A 117 5.18 23.77 -6.72
CA THR A 117 5.95 24.97 -6.30
C THR A 117 7.08 24.49 -5.40
N PRO A 118 8.21 25.23 -5.32
CA PRO A 118 9.27 24.90 -4.37
C PRO A 118 8.74 24.82 -2.94
N GLU A 119 7.74 25.65 -2.62
CA GLU A 119 7.13 25.73 -1.26
C GLU A 119 6.52 24.36 -0.90
N ALA A 120 5.83 23.72 -1.84
CA ALA A 120 5.24 22.37 -1.67
C ALA A 120 6.33 21.33 -1.46
N VAL A 121 7.47 21.44 -2.13
CA VAL A 121 8.57 20.44 -2.01
C VAL A 121 9.27 20.68 -0.66
N ASN A 122 9.47 21.95 -0.29
CA ASN A 122 10.01 22.38 1.03
C ASN A 122 9.18 21.72 2.13
N ASN A 123 7.86 21.81 2.01
CA ASN A 123 6.91 21.37 3.06
C ASN A 123 6.83 19.84 3.07
N LEU A 124 6.92 19.18 1.90
CA LEU A 124 6.98 17.69 1.81
C LEU A 124 8.18 17.21 2.64
N SER A 125 9.33 17.85 2.50
CA SER A 125 10.54 17.50 3.28
C SER A 125 10.19 17.46 4.77
N GLU A 126 9.48 18.48 5.27
CA GLU A 126 9.19 18.62 6.73
C GLU A 126 8.18 17.55 7.11
N PHE A 127 7.23 17.26 6.24
CA PHE A 127 6.30 16.13 6.46
C PHE A 127 7.04 14.78 6.61
N LEU A 128 7.97 14.46 5.71
CA LEU A 128 8.80 13.24 5.79
C LEU A 128 9.66 13.25 7.06
N ASP A 129 10.18 14.41 7.47
CA ASP A 129 10.85 14.54 8.80
C ASP A 129 9.87 14.25 9.94
N LYS A 130 8.61 14.73 9.92
CA LYS A 130 7.68 14.50 11.05
C LYS A 130 7.19 13.04 11.04
N THR A 131 7.11 12.36 9.88
CA THR A 131 6.54 10.98 9.81
C THR A 131 7.65 9.93 9.97
N GLY A 132 8.90 10.23 9.60
CA GLY A 132 10.00 9.25 9.53
C GLY A 132 9.94 8.42 8.26
N TRP A 133 9.06 8.75 7.30
CA TRP A 133 8.84 7.92 6.09
C TRP A 133 9.81 8.35 4.98
N LYS A 134 9.97 7.50 3.97
CA LYS A 134 10.78 7.73 2.75
C LYS A 134 9.82 8.01 1.59
N LEU A 135 10.37 8.49 0.47
CA LEU A 135 9.56 9.07 -0.61
C LEU A 135 9.84 8.34 -1.93
N ILE A 136 8.78 7.94 -2.62
CA ILE A 136 8.79 7.62 -4.09
C ILE A 136 8.04 8.75 -4.78
N TYR A 137 8.72 9.41 -5.72
CA TYR A 137 8.30 10.72 -6.31
C TYR A 137 8.14 10.56 -7.82
N GLY A 138 6.90 10.67 -8.30
CA GLY A 138 6.59 10.68 -9.74
C GLY A 138 7.11 11.91 -10.45
N LEU A 139 7.56 11.73 -11.70
CA LEU A 139 7.92 12.80 -12.65
C LEU A 139 7.04 12.65 -13.91
N ASN A 140 6.82 13.77 -14.59
CA ASN A 140 5.78 13.92 -15.63
C ASN A 140 6.42 13.52 -16.94
N LEU A 141 6.45 12.22 -17.18
CA LEU A 141 6.85 11.68 -18.48
C LEU A 141 5.66 11.68 -19.44
N GLY A 142 4.43 11.61 -18.95
CA GLY A 142 3.22 11.66 -19.80
C GLY A 142 3.18 12.89 -20.69
N LYS A 143 3.26 14.08 -20.09
CA LYS A 143 3.07 15.35 -20.84
C LYS A 143 4.25 16.30 -20.65
N GLY A 144 5.16 16.03 -19.74
CA GLY A 144 6.25 17.01 -19.48
C GLY A 144 7.46 16.82 -20.38
N THR A 145 8.45 17.67 -20.14
CA THR A 145 9.75 17.63 -20.81
C THR A 145 10.78 16.98 -19.89
N PRO A 146 11.76 16.30 -20.51
CA PRO A 146 12.92 15.79 -19.80
C PRO A 146 13.60 16.88 -18.96
N GLU A 147 13.77 18.07 -19.52
CA GLU A 147 14.51 19.18 -18.88
C GLU A 147 13.72 19.63 -17.64
N ASN A 148 12.38 19.69 -17.74
CA ASN A 148 11.57 20.09 -16.57
C ASN A 148 11.57 18.96 -15.52
N ALA A 149 11.64 17.71 -15.95
CA ALA A 149 11.72 16.57 -15.01
C ALA A 149 13.10 16.62 -14.32
N ALA A 150 14.17 16.93 -15.05
CA ALA A 150 15.55 17.11 -14.53
C ALA A 150 15.54 18.15 -13.42
N ASP A 151 14.91 19.28 -13.71
CA ASP A 151 14.83 20.45 -12.80
C ASP A 151 14.03 20.05 -11.56
N GLU A 152 12.88 19.41 -11.71
CA GLU A 152 12.04 19.05 -10.54
C GLU A 152 12.79 18.01 -9.69
N ALA A 153 13.46 17.04 -10.32
CA ALA A 153 14.24 15.99 -9.63
C ALA A 153 15.36 16.65 -8.81
N ALA A 154 16.05 17.63 -9.42
CA ALA A 154 17.19 18.34 -8.80
C ALA A 154 16.71 19.05 -7.53
N TYR A 155 15.55 19.69 -7.58
CA TYR A 155 15.00 20.44 -6.44
C TYR A 155 14.61 19.48 -5.32
N VAL A 156 14.01 18.38 -5.73
CA VAL A 156 13.55 17.33 -4.80
C VAL A 156 14.79 16.70 -4.12
N MET A 157 15.84 16.36 -4.88
CA MET A 157 17.12 15.86 -4.30
C MET A 157 17.74 16.92 -3.37
N GLU A 158 17.79 18.17 -3.82
CA GLU A 158 18.33 19.32 -3.05
C GLU A 158 17.62 19.39 -1.68
N THR A 159 16.30 19.24 -1.64
CA THR A 159 15.46 19.55 -0.44
C THR A 159 15.18 18.29 0.39
N ILE A 160 14.90 17.16 -0.26
CA ILE A 160 14.52 15.92 0.48
C ILE A 160 15.77 15.17 0.94
N GLY A 161 16.83 15.15 0.12
CA GLY A 161 18.06 14.37 0.42
C GLY A 161 17.97 12.90 -0.04
N ALA A 162 19.15 12.30 -0.27
CA ALA A 162 19.32 10.93 -0.82
C ALA A 162 18.78 9.88 0.17
N ASP A 163 18.85 10.19 1.47
CA ASP A 163 18.51 9.24 2.57
C ASP A 163 17.00 9.01 2.59
N ARG A 164 16.20 10.07 2.42
CA ARG A 164 14.72 9.99 2.47
C ARG A 164 14.15 9.71 1.06
N LEU A 165 14.87 10.06 -0.01
CA LEU A 165 14.37 9.88 -1.41
C LEU A 165 14.73 8.46 -1.87
N LEU A 166 13.72 7.60 -1.94
CA LEU A 166 13.92 6.19 -2.32
C LEU A 166 14.03 6.07 -3.84
N ALA A 167 13.17 6.74 -4.59
CA ALA A 167 13.16 6.60 -6.06
C ALA A 167 12.28 7.64 -6.75
N PHE A 168 12.71 8.05 -7.93
CA PHE A 168 11.85 8.72 -8.93
C PHE A 168 11.21 7.66 -9.80
N GLN A 169 10.00 7.95 -10.31
CA GLN A 169 9.34 7.10 -11.31
C GLN A 169 9.01 7.98 -12.51
N LEU A 170 9.32 7.50 -13.71
CA LEU A 170 9.18 8.29 -14.93
C LEU A 170 7.84 7.89 -15.59
N GLY A 171 6.74 8.44 -15.10
CA GLY A 171 5.39 8.18 -15.58
C GLY A 171 4.68 7.16 -14.72
N ASN A 172 3.37 7.18 -14.76
CA ASN A 172 2.45 6.24 -14.06
C ASN A 172 1.71 5.44 -15.13
N GLU A 173 1.67 4.11 -15.00
CA GLU A 173 0.89 3.23 -15.91
C GLU A 173 1.11 3.67 -17.36
N PRO A 174 2.37 3.75 -17.84
CA PRO A 174 2.65 4.12 -19.23
C PRO A 174 1.95 3.22 -20.24
N ASP A 175 1.69 1.96 -19.82
CA ASP A 175 0.93 0.95 -20.61
C ASP A 175 -0.50 1.44 -20.81
N LEU A 176 -1.00 2.38 -20.01
CA LEU A 176 -2.39 2.90 -20.19
C LEU A 176 -2.39 4.30 -20.82
N PHE A 177 -1.25 4.84 -21.23
CA PHE A 177 -1.21 6.23 -21.73
C PHE A 177 -2.32 6.42 -22.76
N TYR A 178 -2.29 5.64 -23.84
CA TYR A 178 -3.32 5.64 -24.92
C TYR A 178 -4.75 5.73 -24.34
N ARG A 179 -5.25 4.65 -23.72
CA ARG A 179 -6.62 4.58 -23.15
C ARG A 179 -6.95 5.92 -22.45
N ASN A 180 -5.95 6.56 -21.85
CA ASN A 180 -6.07 7.78 -21.02
C ASN A 180 -5.85 9.04 -21.89
N GLY A 181 -5.61 8.92 -23.21
CA GLY A 181 -5.44 10.05 -24.15
C GLY A 181 -4.07 10.75 -24.09
N ILE A 182 -3.04 10.09 -23.53
CA ILE A 182 -1.69 10.68 -23.24
C ILE A 182 -0.75 10.45 -24.42
N ARG A 183 -0.89 9.32 -25.10
CA ARG A 183 -0.07 8.98 -26.29
C ARG A 183 -1.03 8.39 -27.30
N PRO A 184 -0.63 8.25 -28.59
CA PRO A 184 -1.48 7.64 -29.59
C PRO A 184 -1.63 6.13 -29.32
N ALA A 185 -2.62 5.50 -29.97
CA ALA A 185 -2.88 4.03 -29.86
C ALA A 185 -1.60 3.21 -30.12
N SER A 186 -0.69 3.70 -30.96
CA SER A 186 0.51 2.96 -31.42
C SER A 186 1.62 2.91 -30.35
N TYR A 187 1.48 3.64 -29.23
CA TYR A 187 2.47 3.67 -28.11
C TYR A 187 2.65 2.32 -27.47
N ASP A 188 3.89 1.84 -27.42
CA ASP A 188 4.19 0.46 -26.98
C ASP A 188 5.45 0.54 -26.13
N PHE A 189 5.94 -0.60 -25.68
CA PHE A 189 7.12 -0.63 -24.78
C PHE A 189 8.30 0.06 -25.47
N ALA A 190 8.52 -0.23 -26.75
CA ALA A 190 9.67 0.30 -27.52
C ALA A 190 9.64 1.83 -27.44
N ALA A 191 8.47 2.43 -27.62
CA ALA A 191 8.30 3.90 -27.59
C ALA A 191 8.57 4.44 -26.18
N TYR A 192 7.97 3.82 -25.16
CA TYR A 192 8.17 4.18 -23.73
C TYR A 192 9.66 4.05 -23.36
N ALA A 193 10.36 3.03 -23.88
CA ALA A 193 11.79 2.83 -23.52
C ALA A 193 12.60 4.02 -24.02
N GLY A 194 12.35 4.54 -25.23
CA GLY A 194 13.06 5.74 -25.73
C GLY A 194 12.72 6.96 -24.89
N ASP A 195 11.43 7.14 -24.55
CA ASP A 195 11.00 8.21 -23.61
C ASP A 195 11.75 8.05 -22.28
N TRP A 196 11.75 6.84 -21.73
CA TRP A 196 12.32 6.57 -20.39
C TRP A 196 13.80 6.96 -20.41
N GLN A 197 14.50 6.53 -21.46
CA GLN A 197 15.94 6.76 -21.64
C GLN A 197 16.22 8.27 -21.77
N ARG A 198 15.39 9.00 -22.52
CA ARG A 198 15.55 10.48 -22.65
C ARG A 198 15.39 11.19 -21.29
N PHE A 199 14.39 10.81 -20.50
CA PHE A 199 14.14 11.48 -19.19
C PHE A 199 15.31 11.11 -18.26
N PHE A 200 15.68 9.84 -18.25
CA PHE A 200 16.73 9.28 -17.38
C PHE A 200 18.02 10.07 -17.59
N THR A 201 18.41 10.21 -18.85
CA THR A 201 19.65 10.88 -19.29
C THR A 201 19.62 12.33 -18.79
N ALA A 202 18.50 13.02 -19.01
CA ALA A 202 18.38 14.46 -18.69
C ALA A 202 18.46 14.62 -17.17
N ILE A 203 17.75 13.77 -16.43
CA ILE A 203 17.71 13.84 -14.96
C ILE A 203 19.11 13.60 -14.38
N ARG A 204 19.84 12.63 -14.93
CA ARG A 204 21.18 12.22 -14.42
C ARG A 204 22.24 13.31 -14.65
N LYS A 205 22.10 14.12 -15.69
CA LYS A 205 22.94 15.32 -15.95
C LYS A 205 22.85 16.28 -14.76
N ARG A 206 21.63 16.53 -14.28
CA ARG A 206 21.33 17.43 -13.15
C ARG A 206 21.55 16.75 -11.80
N VAL A 207 21.26 15.46 -11.70
CA VAL A 207 21.24 14.73 -10.41
C VAL A 207 21.96 13.40 -10.61
N PRO A 208 23.31 13.36 -10.53
CA PRO A 208 24.08 12.17 -10.92
C PRO A 208 23.77 10.91 -10.10
N ASN A 209 23.25 11.06 -8.91
CA ASN A 209 22.95 9.98 -7.94
C ASN A 209 21.44 9.72 -7.89
N ALA A 210 20.67 10.24 -8.86
CA ALA A 210 19.19 10.08 -8.92
C ALA A 210 18.88 8.59 -8.92
N PRO A 211 18.13 8.09 -7.91
CA PRO A 211 17.67 6.71 -7.92
C PRO A 211 16.33 6.65 -8.69
N PHE A 212 16.06 5.55 -9.40
CA PHE A 212 14.80 5.29 -10.15
C PHE A 212 14.17 3.94 -9.83
N ALA A 213 12.86 3.84 -10.03
CA ALA A 213 12.10 2.56 -10.09
C ALA A 213 11.14 2.68 -11.26
N GLY A 214 10.68 1.54 -11.78
CA GLY A 214 9.70 1.40 -12.88
C GLY A 214 9.26 -0.06 -13.07
N PRO A 215 8.29 -0.36 -13.97
CA PRO A 215 7.66 0.65 -14.83
C PRO A 215 6.41 1.32 -14.24
N ASP A 216 6.07 1.03 -12.99
CA ASP A 216 4.99 1.72 -12.22
C ASP A 216 3.64 1.43 -12.90
N THR A 217 3.45 0.16 -13.20
CA THR A 217 2.16 -0.39 -13.67
C THR A 217 1.97 -1.83 -13.24
N ALA A 218 0.73 -2.31 -13.34
CA ALA A 218 0.35 -3.74 -13.27
C ALA A 218 1.39 -4.61 -13.99
N TYR A 219 1.75 -5.76 -13.41
CA TYR A 219 2.66 -6.72 -14.08
C TYR A 219 2.01 -7.13 -15.41
N ASN A 220 2.84 -7.18 -16.46
CA ASN A 220 2.44 -7.80 -17.74
C ASN A 220 3.69 -8.10 -18.57
N THR A 221 3.50 -8.83 -19.64
CA THR A 221 4.61 -9.43 -20.42
C THR A 221 5.14 -8.35 -21.38
N LYS A 222 4.28 -7.46 -21.85
CA LYS A 222 4.60 -6.52 -22.97
C LYS A 222 5.25 -5.24 -22.45
N TRP A 223 5.14 -4.92 -21.15
CA TRP A 223 5.78 -3.71 -20.56
C TRP A 223 6.74 -4.05 -19.44
N LEU A 224 6.28 -4.73 -18.40
CA LEU A 224 7.06 -4.85 -17.14
C LEU A 224 8.27 -5.79 -17.36
N VAL A 225 8.13 -6.88 -18.12
CA VAL A 225 9.25 -7.86 -18.28
C VAL A 225 10.41 -7.27 -19.08
N PRO A 226 10.18 -6.69 -20.27
CA PRO A 226 11.26 -6.06 -21.03
C PRO A 226 11.83 -4.77 -20.39
N PHE A 227 11.03 -4.06 -19.61
CA PHE A 227 11.52 -2.91 -18.79
C PHE A 227 12.69 -3.35 -17.92
N ALA A 228 12.47 -4.42 -17.16
CA ALA A 228 13.45 -5.00 -16.22
C ALA A 228 14.73 -5.37 -16.97
N ASP A 229 14.60 -6.05 -18.12
CA ASP A 229 15.75 -6.57 -18.90
C ASP A 229 16.56 -5.38 -19.43
N LYS A 230 15.89 -4.34 -19.93
CA LYS A 230 16.52 -3.17 -20.61
C LYS A 230 17.12 -2.22 -19.57
N PHE A 231 16.42 -1.92 -18.47
CA PHE A 231 16.77 -0.81 -17.55
C PHE A 231 17.26 -1.31 -16.18
N LYS A 232 17.66 -2.59 -16.11
CA LYS A 232 18.03 -3.25 -14.83
C LYS A 232 19.22 -2.52 -14.21
N HIS A 233 20.16 -1.95 -15.00
CA HIS A 233 21.34 -1.23 -14.45
C HIS A 233 20.98 0.21 -14.03
N ASP A 234 19.75 0.67 -14.29
CA ASP A 234 19.35 2.08 -14.13
C ASP A 234 18.35 2.27 -13.02
N VAL A 235 17.85 1.17 -12.42
CA VAL A 235 16.78 1.22 -11.37
C VAL A 235 17.24 0.48 -10.11
N LYS A 236 16.67 0.90 -8.99
CA LYS A 236 16.84 0.25 -7.67
C LYS A 236 15.88 -0.93 -7.51
N PHE A 237 14.68 -0.89 -8.09
CA PHE A 237 13.65 -1.94 -7.88
C PHE A 237 12.57 -1.76 -8.93
N ILE A 238 11.78 -2.80 -9.08
CA ILE A 238 10.63 -2.87 -10.01
C ILE A 238 9.40 -2.41 -9.23
N SER A 239 8.52 -1.65 -9.88
CA SER A 239 7.31 -1.08 -9.25
C SER A 239 6.10 -1.58 -10.04
N SER A 240 5.14 -2.18 -9.35
CA SER A 240 3.98 -2.86 -9.95
C SER A 240 2.75 -2.24 -9.31
N HIS A 241 1.61 -2.35 -9.96
CA HIS A 241 0.30 -1.92 -9.43
C HIS A 241 -0.57 -3.16 -9.30
N TYR A 242 -1.63 -3.05 -8.53
CA TYR A 242 -2.63 -4.14 -8.43
C TYR A 242 -3.95 -3.60 -7.87
N TYR A 243 -5.04 -3.84 -8.63
CA TYR A 243 -6.43 -3.69 -8.16
C TYR A 243 -7.11 -5.06 -8.18
N ALA A 244 -7.73 -5.47 -7.08
CA ALA A 244 -8.45 -6.75 -6.94
C ALA A 244 -9.60 -6.76 -7.94
N GLU A 245 -10.31 -5.64 -8.06
CA GLU A 245 -11.62 -5.58 -8.74
C GLU A 245 -11.70 -4.34 -9.63
N GLY A 246 -12.83 -4.18 -10.30
CA GLY A 246 -13.15 -3.07 -11.21
C GLY A 246 -13.61 -3.61 -12.56
N PRO A 247 -14.44 -2.86 -13.33
CA PRO A 247 -14.85 -1.51 -12.96
C PRO A 247 -15.90 -1.50 -11.84
N PRO A 248 -16.05 -0.38 -11.11
CA PRO A 248 -17.05 -0.28 -10.04
C PRO A 248 -18.52 -0.38 -10.53
N THR A 249 -18.78 -0.13 -11.82
CA THR A 249 -20.15 -0.24 -12.41
C THR A 249 -20.48 -1.73 -12.61
N ASP A 250 -19.48 -2.61 -12.51
CA ASP A 250 -19.63 -4.09 -12.70
C ASP A 250 -20.22 -4.70 -11.42
N PRO A 251 -21.47 -5.25 -11.48
CA PRO A 251 -22.10 -5.88 -10.31
C PRO A 251 -21.46 -7.20 -9.84
N SER A 252 -20.47 -7.73 -10.58
CA SER A 252 -19.55 -8.86 -10.22
C SER A 252 -18.67 -8.48 -9.02
N MET A 253 -18.31 -7.21 -8.92
CA MET A 253 -17.28 -6.67 -8.02
C MET A 253 -17.91 -6.49 -6.63
N THR A 254 -17.84 -7.52 -5.81
CA THR A 254 -18.59 -7.66 -4.55
C THR A 254 -17.64 -7.90 -3.38
N ILE A 255 -18.16 -7.79 -2.17
CA ILE A 255 -17.39 -8.19 -0.96
C ILE A 255 -17.03 -9.69 -1.12
N GLU A 256 -18.01 -10.51 -1.52
CA GLU A 256 -17.85 -11.99 -1.69
C GLU A 256 -16.59 -12.22 -2.54
N ARG A 257 -16.51 -11.61 -3.72
CA ARG A 257 -15.36 -11.80 -4.64
C ARG A 257 -14.09 -11.24 -3.99
N LEU A 258 -14.17 -10.14 -3.26
CA LEU A 258 -12.95 -9.51 -2.68
C LEU A 258 -12.34 -10.45 -1.65
N MET A 259 -13.13 -11.30 -0.99
CA MET A 259 -12.63 -12.18 0.10
C MET A 259 -11.92 -13.41 -0.50
N LYS A 260 -12.07 -13.63 -1.81
CA LYS A 260 -11.57 -14.85 -2.47
C LYS A 260 -10.14 -14.66 -2.96
N PRO A 261 -9.38 -15.76 -3.11
CA PRO A 261 -8.10 -15.70 -3.78
C PRO A 261 -8.31 -15.12 -5.19
N ASN A 262 -7.29 -14.41 -5.66
CA ASN A 262 -7.31 -13.72 -6.96
C ASN A 262 -6.18 -14.35 -7.77
N PRO A 263 -6.51 -15.21 -8.75
CA PRO A 263 -5.47 -15.89 -9.52
C PRO A 263 -4.61 -14.93 -10.32
N ARG A 264 -5.14 -13.81 -10.81
CA ARG A 264 -4.32 -12.78 -11.51
C ARG A 264 -3.19 -12.30 -10.57
N LEU A 265 -3.51 -12.08 -9.30
CA LEU A 265 -2.51 -11.59 -8.31
C LEU A 265 -1.42 -12.65 -8.16
N LEU A 266 -1.79 -13.91 -8.00
CA LEU A 266 -0.80 -14.98 -7.74
C LEU A 266 0.18 -15.04 -8.93
N GLY A 267 -0.36 -14.95 -10.14
CA GLY A 267 0.41 -14.97 -11.40
C GLY A 267 1.36 -13.79 -11.51
N GLU A 268 0.88 -12.58 -11.22
CA GLU A 268 1.69 -11.35 -11.36
C GLU A 268 2.82 -11.39 -10.32
N THR A 269 2.50 -11.85 -9.12
CA THR A 269 3.47 -12.08 -8.04
C THR A 269 4.53 -13.07 -8.54
N ALA A 270 4.12 -14.20 -9.14
CA ALA A 270 5.08 -15.17 -9.74
C ALA A 270 5.85 -14.51 -10.88
N GLY A 271 5.25 -13.60 -11.63
CA GLY A 271 5.98 -12.88 -12.68
C GLY A 271 7.06 -12.01 -12.05
N LEU A 272 6.71 -11.33 -10.97
CA LEU A 272 7.67 -10.42 -10.29
C LEU A 272 8.82 -11.22 -9.73
N LYS A 273 8.60 -12.35 -9.07
CA LYS A 273 9.69 -13.20 -8.51
C LYS A 273 10.64 -13.65 -9.62
N GLN A 274 10.13 -13.93 -10.82
CA GLN A 274 11.00 -14.41 -11.91
C GLN A 274 11.88 -13.25 -12.39
N VAL A 275 11.32 -12.05 -12.42
CA VAL A 275 12.11 -10.84 -12.81
C VAL A 275 13.25 -10.68 -11.83
N GLU A 276 12.94 -10.81 -10.56
CA GLU A 276 13.95 -10.74 -9.48
C GLU A 276 15.01 -11.82 -9.73
N ALA A 277 14.61 -13.02 -10.11
CA ALA A 277 15.60 -14.10 -10.37
C ALA A 277 16.47 -13.72 -11.57
N ASP A 278 15.92 -13.13 -12.63
CA ASP A 278 16.64 -12.90 -13.92
C ASP A 278 17.50 -11.63 -13.89
N THR A 279 17.22 -10.66 -12.99
CA THR A 279 17.76 -9.27 -13.05
C THR A 279 18.37 -8.84 -11.71
N GLY A 280 18.19 -9.63 -10.65
CA GLY A 280 18.53 -9.25 -9.26
C GLY A 280 17.61 -8.18 -8.64
N LEU A 281 16.60 -7.65 -9.36
CA LEU A 281 15.81 -6.49 -8.91
C LEU A 281 14.69 -6.93 -7.96
N PRO A 282 14.62 -6.36 -6.74
CA PRO A 282 13.47 -6.60 -5.87
C PRO A 282 12.26 -5.88 -6.47
N PHE A 283 11.08 -6.17 -5.94
CA PHE A 283 9.79 -5.55 -6.38
C PHE A 283 9.05 -4.96 -5.18
N ARG A 284 8.40 -3.81 -5.38
CA ARG A 284 7.45 -3.16 -4.44
C ARG A 284 6.14 -2.92 -5.19
N LEU A 285 5.03 -3.18 -4.54
CA LEU A 285 3.67 -2.87 -5.03
C LEU A 285 3.41 -1.37 -4.74
N THR A 286 3.81 -0.49 -5.65
CA THR A 286 3.82 0.97 -5.42
C THR A 286 2.43 1.59 -5.51
N GLU A 287 1.40 0.88 -6.00
CA GLU A 287 0.03 1.43 -6.03
C GLU A 287 -0.95 0.27 -6.05
N THR A 288 -1.84 0.18 -5.06
CA THR A 288 -2.83 -0.91 -4.96
C THR A 288 -4.03 -0.42 -4.18
N ASN A 289 -5.20 -0.87 -4.59
CA ASN A 289 -6.36 -0.90 -3.69
C ASN A 289 -7.40 -1.88 -4.22
N SER A 290 -8.55 -1.91 -3.55
CA SER A 290 -9.60 -2.95 -3.68
C SER A 290 -10.17 -2.95 -5.09
N CYS A 291 -10.55 -1.78 -5.60
N CYS A 291 -10.59 -1.78 -5.56
CA CYS A 291 -11.30 -1.62 -6.87
CA CYS A 291 -11.32 -1.58 -6.83
C CYS A 291 -10.89 -0.33 -7.59
C CYS A 291 -10.71 -0.38 -7.56
N TYR A 292 -10.68 -0.40 -8.90
CA TYR A 292 -10.07 0.72 -9.68
C TYR A 292 -11.15 1.75 -10.02
N GLN A 293 -10.75 2.82 -10.73
CA GLN A 293 -11.64 3.98 -11.03
C GLN A 293 -12.12 4.61 -9.72
N GLY A 294 -11.25 4.72 -8.70
CA GLY A 294 -11.52 5.42 -7.42
C GLY A 294 -12.20 4.56 -6.36
N GLY A 295 -12.52 3.31 -6.69
CA GLY A 295 -13.15 2.39 -5.73
C GLY A 295 -14.64 2.31 -5.93
N LYS A 296 -15.26 1.36 -5.20
CA LYS A 296 -16.67 1.01 -5.31
C LYS A 296 -17.32 1.19 -3.94
N GLN A 297 -18.31 2.07 -3.88
CA GLN A 297 -19.18 2.26 -2.70
C GLN A 297 -19.86 0.93 -2.37
N GLY A 298 -19.82 0.51 -1.10
CA GLY A 298 -20.44 -0.74 -0.65
C GLY A 298 -19.41 -1.85 -0.56
N VAL A 299 -18.18 -1.60 -1.04
CA VAL A 299 -17.10 -2.61 -1.11
C VAL A 299 -15.81 -1.98 -0.55
N SER A 300 -15.18 -1.08 -1.31
CA SER A 300 -13.91 -0.38 -0.97
C SER A 300 -13.97 0.34 0.38
N ASP A 301 -15.14 0.89 0.74
CA ASP A 301 -15.33 1.78 1.92
C ASP A 301 -15.89 1.00 3.13
N THR A 302 -15.79 -0.34 3.12
CA THR A 302 -16.34 -1.21 4.18
C THR A 302 -15.26 -1.94 4.97
N PHE A 303 -15.69 -2.55 6.07
CA PHE A 303 -14.84 -3.38 6.94
C PHE A 303 -14.20 -4.51 6.14
N ALA A 304 -14.93 -5.06 5.16
CA ALA A 304 -14.37 -6.10 4.27
C ALA A 304 -13.02 -5.62 3.75
N ALA A 305 -12.84 -4.30 3.51
CA ALA A 305 -11.59 -3.80 2.90
C ALA A 305 -10.45 -3.91 3.91
N ALA A 306 -10.71 -3.86 5.22
CA ALA A 306 -9.66 -4.05 6.25
C ALA A 306 -9.13 -5.49 6.21
N LEU A 307 -10.02 -6.48 6.01
CA LEU A 307 -9.66 -7.92 5.96
C LEU A 307 -8.83 -8.14 4.69
N TRP A 308 -9.28 -7.60 3.57
CA TRP A 308 -8.61 -7.69 2.25
C TRP A 308 -7.20 -7.09 2.32
N ALA A 309 -7.08 -5.85 2.81
CA ALA A 309 -5.80 -5.10 2.90
C ALA A 309 -4.79 -5.74 3.87
N GLY A 310 -5.19 -6.04 5.10
CA GLY A 310 -4.36 -6.76 6.06
C GLY A 310 -3.86 -8.05 5.45
N ASP A 311 -4.78 -8.80 4.84
CA ASP A 311 -4.43 -10.10 4.24
C ASP A 311 -3.41 -9.89 3.12
N LEU A 312 -3.65 -8.90 2.27
CA LEU A 312 -2.78 -8.67 1.09
C LEU A 312 -1.37 -8.37 1.57
N MET A 313 -1.25 -7.59 2.63
CA MET A 313 0.07 -7.14 3.10
C MET A 313 0.91 -8.38 3.41
N TYR A 314 0.32 -9.31 4.16
CA TYR A 314 0.96 -10.57 4.59
C TYR A 314 1.23 -11.44 3.34
N GLN A 315 0.23 -11.61 2.46
CA GLN A 315 0.37 -12.49 1.27
C GLN A 315 1.55 -12.02 0.40
N GLN A 316 1.65 -10.71 0.12
CA GLN A 316 2.77 -10.14 -0.70
C GLN A 316 4.09 -10.18 0.09
N ALA A 317 4.06 -10.04 1.42
CA ALA A 317 5.27 -10.15 2.26
C ALA A 317 5.78 -11.59 2.17
N ALA A 318 4.88 -12.57 2.32
CA ALA A 318 5.21 -14.01 2.22
C ALA A 318 5.78 -14.31 0.84
N ALA A 319 5.38 -13.57 -0.21
CA ALA A 319 5.88 -13.80 -1.58
C ALA A 319 7.21 -13.09 -1.82
N GLY A 320 7.75 -12.32 -0.86
CA GLY A 320 9.06 -11.68 -1.02
C GLY A 320 8.97 -10.24 -1.54
N SER A 321 7.77 -9.64 -1.54
CA SER A 321 7.64 -8.19 -1.83
C SER A 321 8.42 -7.36 -0.80
N THR A 322 9.09 -6.28 -1.25
CA THR A 322 9.76 -5.33 -0.34
C THR A 322 8.75 -4.37 0.31
N GLY A 323 7.51 -4.27 -0.18
CA GLY A 323 6.59 -3.31 0.43
C GLY A 323 5.39 -3.03 -0.43
N ILE A 324 4.57 -2.12 0.06
CA ILE A 324 3.19 -1.87 -0.40
C ILE A 324 2.84 -0.37 -0.25
N ASN A 325 1.93 0.08 -1.11
CA ASN A 325 1.49 1.50 -1.12
C ASN A 325 0.02 1.49 -1.52
N PHE A 326 -0.89 1.57 -0.53
CA PHE A 326 -2.36 1.66 -0.74
C PHE A 326 -2.70 3.08 -1.18
N HIS A 327 -3.32 3.17 -2.34
CA HIS A 327 -3.68 4.46 -2.95
C HIS A 327 -4.87 5.04 -2.18
N GLY A 328 -4.92 6.35 -2.13
CA GLY A 328 -5.98 7.06 -1.42
C GLY A 328 -5.85 8.55 -1.57
N GLY A 329 -6.45 9.29 -0.65
CA GLY A 329 -6.61 10.76 -0.72
C GLY A 329 -8.05 11.20 -0.73
N GLY A 330 -8.25 12.51 -0.51
CA GLY A 330 -9.55 13.16 -0.41
C GLY A 330 -10.44 12.33 0.50
N TYR A 331 -11.61 11.95 -0.02
CA TYR A 331 -12.62 11.07 0.59
C TYR A 331 -12.89 9.90 -0.35
N GLY A 332 -11.87 9.52 -1.13
CA GLY A 332 -11.95 8.36 -2.03
C GLY A 332 -12.56 7.14 -1.36
N TRP A 333 -13.41 6.39 -2.07
CA TRP A 333 -14.03 5.15 -1.58
C TRP A 333 -12.97 4.22 -0.95
N TYR A 334 -11.76 4.14 -1.50
CA TYR A 334 -10.79 3.14 -0.98
C TYR A 334 -9.71 3.77 -0.10
N THR A 335 -9.80 5.07 0.23
CA THR A 335 -8.69 5.71 0.98
C THR A 335 -8.63 5.15 2.39
N PRO A 336 -7.42 4.72 2.85
CA PRO A 336 -7.15 4.37 4.23
C PRO A 336 -7.35 5.54 5.21
N VAL A 337 -6.92 6.73 4.80
CA VAL A 337 -7.13 7.98 5.58
C VAL A 337 -7.90 8.95 4.69
N ALA A 338 -9.03 9.47 5.19
CA ALA A 338 -9.84 10.53 4.52
C ALA A 338 -9.71 11.87 5.23
N GLY A 339 -9.88 12.98 4.50
CA GLY A 339 -10.04 14.29 5.15
C GLY A 339 -9.17 15.38 4.55
N THR A 340 -9.05 16.50 5.26
CA THR A 340 -8.39 17.73 4.76
C THR A 340 -7.76 18.49 5.93
N PRO A 341 -6.78 19.37 5.67
CA PRO A 341 -6.17 20.15 6.76
C PRO A 341 -7.21 20.99 7.51
N GLU A 342 -8.21 21.52 6.79
CA GLU A 342 -9.29 22.41 7.29
C GLU A 342 -10.32 21.62 8.14
N ASP A 343 -10.68 20.40 7.74
CA ASP A 343 -11.81 19.64 8.37
C ASP A 343 -11.30 18.49 9.23
N GLY A 344 -10.01 18.19 9.16
CA GLY A 344 -9.37 17.07 9.88
C GLY A 344 -9.43 15.75 9.12
N PHE A 345 -8.83 14.74 9.72
CA PHE A 345 -8.55 13.45 9.07
C PHE A 345 -9.18 12.34 9.93
N ILE A 346 -9.64 11.28 9.28
CA ILE A 346 -10.17 10.08 9.98
C ILE A 346 -9.60 8.83 9.33
N ALA A 347 -9.61 7.74 10.08
CA ALA A 347 -9.22 6.39 9.64
C ALA A 347 -10.48 5.70 9.12
N ARG A 348 -10.48 5.44 7.84
CA ARG A 348 -11.50 4.63 7.12
C ARG A 348 -11.28 3.18 7.54
N PRO A 349 -12.26 2.30 7.25
CA PRO A 349 -12.15 0.88 7.60
C PRO A 349 -10.82 0.24 7.17
N GLU A 350 -10.40 0.45 5.91
CA GLU A 350 -9.20 -0.22 5.34
C GLU A 350 -8.00 0.08 6.25
N TYR A 351 -7.94 1.27 6.86
CA TYR A 351 -6.82 1.67 7.75
C TYR A 351 -6.60 0.62 8.84
N TYR A 352 -7.71 0.09 9.35
CA TYR A 352 -7.64 -0.86 10.50
C TYR A 352 -6.92 -2.14 10.07
N GLY A 353 -7.05 -2.57 8.81
CA GLY A 353 -6.25 -3.73 8.34
C GLY A 353 -4.74 -3.45 8.39
N MET A 354 -4.33 -2.23 8.04
CA MET A 354 -2.92 -1.80 8.02
C MET A 354 -2.44 -1.64 9.46
N LEU A 355 -3.35 -1.28 10.36
CA LEU A 355 -3.02 -1.06 11.79
C LEU A 355 -2.67 -2.41 12.43
N LEU A 356 -3.37 -3.48 12.02
CA LEU A 356 -3.10 -4.84 12.56
C LEU A 356 -1.67 -5.19 12.16
N PHE A 357 -1.32 -4.99 10.88
CA PHE A 357 0.06 -5.25 10.41
C PHE A 357 1.05 -4.38 11.18
N ALA A 358 0.77 -3.10 11.42
CA ALA A 358 1.66 -2.15 12.15
C ALA A 358 1.94 -2.71 13.56
N GLN A 359 0.92 -3.25 14.21
CA GLN A 359 1.04 -3.77 15.61
C GLN A 359 1.75 -5.13 15.66
N ALA A 360 1.66 -5.94 14.63
CA ALA A 360 2.41 -7.21 14.53
C ALA A 360 3.91 -6.85 14.53
N GLY A 361 4.26 -5.86 13.71
CA GLY A 361 5.65 -5.39 13.55
C GLY A 361 6.39 -6.28 12.56
N ALA A 362 7.71 -6.09 12.45
CA ALA A 362 8.55 -6.81 11.49
C ALA A 362 9.09 -8.10 12.14
N GLY A 363 9.77 -8.88 11.33
CA GLY A 363 10.34 -10.19 11.73
C GLY A 363 10.31 -11.14 10.54
N GLN A 364 10.47 -12.43 10.83
CA GLN A 364 10.61 -13.47 9.79
C GLN A 364 9.34 -14.31 9.81
N LEU A 365 8.69 -14.36 8.66
CA LEU A 365 7.52 -15.22 8.43
C LEU A 365 7.91 -16.68 8.67
N LEU A 366 6.96 -17.44 9.22
CA LEU A 366 7.11 -18.87 9.54
C LEU A 366 6.03 -19.70 8.84
N GLY A 367 6.26 -21.01 8.76
CA GLY A 367 5.26 -21.97 8.27
C GLY A 367 4.06 -21.98 9.20
N ALA A 368 2.87 -21.92 8.60
CA ALA A 368 1.58 -21.84 9.31
C ALA A 368 0.54 -22.52 8.41
N LYS A 369 0.31 -23.81 8.66
CA LYS A 369 -0.47 -24.68 7.76
C LYS A 369 -1.85 -24.88 8.37
N LEU A 370 -2.89 -24.67 7.58
CA LEU A 370 -4.32 -24.87 7.99
C LEU A 370 -4.77 -26.24 7.46
N THR A 371 -5.51 -26.98 8.28
CA THR A 371 -6.15 -28.28 7.91
C THR A 371 -7.61 -28.26 8.35
N ASP A 372 -8.39 -29.23 7.88
CA ASP A 372 -9.82 -29.38 8.25
C ASP A 372 -10.56 -28.08 7.97
N ASN A 373 -10.18 -27.36 6.90
CA ASN A 373 -10.57 -25.95 6.68
C ASN A 373 -11.33 -25.77 5.36
N SER A 374 -11.71 -26.85 4.67
CA SER A 374 -12.40 -26.75 3.35
C SER A 374 -13.80 -26.11 3.49
N ALA A 375 -14.46 -26.17 4.65
CA ALA A 375 -15.77 -25.51 4.89
C ALA A 375 -15.58 -24.07 5.44
N ALA A 376 -14.32 -23.62 5.55
CA ALA A 376 -13.92 -22.25 5.96
C ALA A 376 -12.72 -21.83 5.12
N PRO A 377 -12.81 -21.90 3.78
CA PRO A 377 -11.63 -21.82 2.91
C PRO A 377 -11.04 -20.42 2.76
N LEU A 378 -11.73 -19.37 3.23
CA LEU A 378 -11.25 -17.96 3.12
C LEU A 378 -10.56 -17.50 4.41
N LEU A 379 -10.44 -18.35 5.44
CA LEU A 379 -9.54 -18.14 6.60
C LEU A 379 -8.11 -18.25 6.10
N THR A 380 -7.33 -17.21 6.35
CA THR A 380 -5.87 -17.14 6.08
C THR A 380 -5.19 -16.89 7.41
N ALA A 381 -3.91 -17.27 7.51
CA ALA A 381 -3.13 -17.20 8.75
C ALA A 381 -1.66 -17.02 8.38
N TYR A 382 -0.95 -16.23 9.18
CA TYR A 382 0.50 -15.96 9.00
C TYR A 382 1.14 -15.97 10.38
N ALA A 383 2.21 -16.73 10.52
CA ALA A 383 3.02 -16.74 11.75
C ALA A 383 4.30 -15.97 11.47
N LEU A 384 4.79 -15.31 12.49
CA LEU A 384 5.90 -14.35 12.39
C LEU A 384 6.77 -14.51 13.63
N ARG A 385 8.08 -14.70 13.45
CA ARG A 385 9.04 -14.49 14.58
C ARG A 385 9.44 -13.02 14.61
N GLY A 386 8.96 -12.27 15.59
CA GLY A 386 9.17 -10.81 15.63
C GLY A 386 10.62 -10.49 15.92
N THR A 387 11.08 -9.30 15.55
N THR A 387 11.10 -9.33 15.49
CA THR A 387 12.45 -8.79 15.81
CA THR A 387 12.45 -8.80 15.82
C THR A 387 12.72 -8.79 17.33
C THR A 387 12.69 -8.95 17.33
N ASP A 388 11.67 -8.77 18.16
CA ASP A 388 11.81 -8.87 19.65
C ASP A 388 11.81 -10.35 20.11
N GLY A 389 11.74 -11.33 19.20
CA GLY A 389 11.85 -12.76 19.54
C GLY A 389 10.50 -13.39 19.89
N ARG A 390 9.43 -12.61 19.99
CA ARG A 390 8.10 -13.17 20.37
C ARG A 390 7.37 -13.63 19.09
N THR A 391 6.66 -14.74 19.15
CA THR A 391 5.84 -15.27 18.04
C THR A 391 4.54 -14.47 17.92
N ARG A 392 4.10 -14.13 16.71
CA ARG A 392 2.79 -13.49 16.47
C ARG A 392 2.09 -14.25 15.35
N ILE A 393 0.76 -14.23 15.36
CA ILE A 393 -0.04 -14.85 14.28
C ILE A 393 -1.09 -13.81 13.90
N ALA A 394 -1.15 -13.50 12.61
CA ALA A 394 -2.19 -12.63 12.03
C ALA A 394 -3.20 -13.55 11.36
N LEU A 395 -4.45 -13.55 11.83
CA LEU A 395 -5.53 -14.35 11.20
C LEU A 395 -6.58 -13.40 10.67
N PHE A 396 -7.01 -13.70 9.44
CA PHE A 396 -8.14 -13.08 8.73
C PHE A 396 -9.18 -14.15 8.44
N ASN A 397 -10.20 -14.24 9.28
CA ASN A 397 -11.41 -15.03 8.94
C ASN A 397 -12.24 -14.28 7.91
N LYS A 398 -11.94 -14.50 6.63
CA LYS A 398 -12.60 -13.77 5.53
C LYS A 398 -13.86 -14.51 5.07
N ASN A 399 -14.23 -15.63 5.70
CA ASN A 399 -15.50 -16.33 5.35
C ASN A 399 -16.64 -15.41 5.79
N LEU A 400 -17.57 -15.08 4.92
CA LEU A 400 -18.65 -14.16 5.29
C LEU A 400 -19.74 -14.89 6.09
N ASP A 401 -19.78 -16.22 6.08
CA ASP A 401 -20.91 -16.92 6.75
C ASP A 401 -20.41 -17.87 7.83
N ALA A 402 -19.11 -18.15 7.95
CA ALA A 402 -18.65 -19.24 8.82
C ALA A 402 -17.78 -18.68 9.95
N ASP A 403 -18.23 -18.91 11.17
CA ASP A 403 -17.36 -18.84 12.37
C ASP A 403 -16.33 -19.97 12.31
N VAL A 404 -15.17 -19.75 12.93
CA VAL A 404 -14.07 -20.76 13.02
C VAL A 404 -13.63 -20.91 14.47
N GLU A 405 -13.20 -22.12 14.78
CA GLU A 405 -12.48 -22.49 16.02
C GLU A 405 -11.13 -23.05 15.57
N VAL A 406 -10.05 -22.34 15.88
CA VAL A 406 -8.67 -22.63 15.40
C VAL A 406 -7.91 -23.31 16.55
N ALA A 407 -7.60 -24.60 16.39
CA ALA A 407 -6.69 -25.38 17.27
C ALA A 407 -5.26 -25.08 16.81
N ILE A 408 -4.52 -24.32 17.62
CA ILE A 408 -3.15 -23.83 17.28
C ILE A 408 -2.14 -24.75 17.97
N SER A 409 -1.33 -25.43 17.18
CA SER A 409 -0.18 -26.26 17.64
C SER A 409 1.11 -25.62 17.14
N GLY A 410 2.27 -26.05 17.64
CA GLY A 410 3.59 -25.60 17.17
C GLY A 410 4.08 -24.33 17.87
N VAL A 411 3.32 -23.83 18.82
CA VAL A 411 3.67 -22.63 19.63
C VAL A 411 3.70 -23.06 21.09
N ALA A 412 4.85 -22.92 21.74
CA ALA A 412 5.12 -23.22 23.17
C ALA A 412 5.37 -21.89 23.88
N SER A 413 4.50 -21.52 24.80
CA SER A 413 4.49 -20.16 25.39
C SER A 413 3.59 -20.22 26.62
N PRO A 414 3.94 -19.54 27.73
CA PRO A 414 3.08 -19.56 28.91
C PRO A 414 1.76 -18.76 28.75
N SER A 415 1.59 -17.97 27.68
CA SER A 415 0.54 -16.92 27.59
C SER A 415 0.53 -16.28 26.19
N GLY A 416 -0.61 -16.31 25.51
CA GLY A 416 -0.86 -15.48 24.33
C GLY A 416 -2.02 -14.52 24.55
N THR A 417 -1.94 -13.31 23.99
CA THR A 417 -3.09 -12.38 23.94
C THR A 417 -3.60 -12.23 22.50
N VAL A 418 -4.85 -11.76 22.39
CA VAL A 418 -5.54 -11.54 21.11
C VAL A 418 -6.00 -10.08 21.08
N LEU A 419 -5.67 -9.36 20.00
CA LEU A 419 -6.33 -8.10 19.59
C LEU A 419 -7.25 -8.42 18.40
N ARG A 420 -8.55 -8.12 18.52
CA ARG A 420 -9.58 -8.43 17.49
C ARG A 420 -9.79 -7.25 16.52
N LEU A 421 -9.89 -7.55 15.22
CA LEU A 421 -10.25 -6.58 14.15
C LEU A 421 -11.72 -6.85 13.79
N GLU A 422 -12.62 -5.92 14.13
CA GLU A 422 -14.07 -6.23 14.20
C GLU A 422 -14.90 -5.07 13.63
N ALA A 423 -16.03 -5.43 13.04
CA ALA A 423 -17.19 -4.59 12.72
C ALA A 423 -18.39 -5.52 12.83
N PRO A 424 -19.59 -4.99 13.10
CA PRO A 424 -20.78 -5.80 13.24
C PRO A 424 -21.25 -6.43 11.93
N ARG A 425 -20.86 -5.88 10.78
CA ARG A 425 -21.18 -6.45 9.46
C ARG A 425 -20.03 -6.20 8.48
N ALA A 426 -19.84 -7.12 7.54
CA ALA A 426 -18.78 -7.05 6.50
C ALA A 426 -18.86 -5.74 5.75
N ASP A 427 -20.08 -5.25 5.48
CA ASP A 427 -20.35 -4.07 4.63
C ASP A 427 -20.42 -2.79 5.48
N ASP A 428 -20.09 -2.83 6.76
CA ASP A 428 -20.19 -1.59 7.56
C ASP A 428 -19.15 -0.61 7.03
N THR A 429 -19.55 0.64 6.86
CA THR A 429 -18.68 1.79 6.50
C THR A 429 -18.08 2.46 7.73
N THR A 430 -18.44 1.99 8.91
CA THR A 430 -17.99 2.53 10.22
C THR A 430 -18.09 1.39 11.24
N ASP A 431 -17.98 1.72 12.53
CA ASP A 431 -18.15 0.72 13.62
C ASP A 431 -16.96 -0.24 13.60
N VAL A 432 -15.81 0.19 13.06
CA VAL A 432 -14.59 -0.65 12.93
C VAL A 432 -13.71 -0.38 14.14
N THR A 433 -13.32 -1.44 14.85
CA THR A 433 -12.41 -1.36 16.01
C THR A 433 -11.27 -2.36 15.84
N PHE A 434 -10.16 -2.05 16.47
CA PHE A 434 -9.01 -2.98 16.62
C PHE A 434 -8.61 -2.97 18.09
N GLY A 435 -8.51 -4.14 18.74
CA GLY A 435 -8.17 -4.17 20.18
C GLY A 435 -9.26 -3.52 21.01
N GLY A 436 -10.51 -3.56 20.52
CA GLY A 436 -11.68 -3.05 21.26
C GLY A 436 -11.72 -1.53 21.26
N ALA A 437 -11.06 -0.89 20.28
CA ALA A 437 -10.97 0.58 20.21
C ALA A 437 -10.94 1.08 18.78
N PRO A 438 -11.57 2.25 18.55
CA PRO A 438 -11.48 2.93 17.25
C PRO A 438 -10.16 3.70 17.25
N VAL A 439 -9.65 4.02 16.07
CA VAL A 439 -8.60 5.05 15.94
C VAL A 439 -9.22 6.42 16.23
N GLY A 440 -8.51 7.29 16.94
CA GLY A 440 -8.94 8.65 17.33
C GLY A 440 -8.40 9.75 16.41
N ALA A 441 -8.30 10.98 16.92
CA ALA A 441 -7.72 12.10 16.17
C ALA A 441 -6.24 11.82 15.92
N SER A 442 -5.74 12.23 14.76
CA SER A 442 -4.28 12.25 14.46
C SER A 442 -3.67 10.85 14.63
N GLY A 443 -4.45 9.80 14.39
CA GLY A 443 -3.90 8.43 14.40
C GLY A 443 -3.72 7.83 15.77
N SER A 444 -4.17 8.53 16.84
CA SER A 444 -4.09 8.04 18.23
C SER A 444 -4.76 6.67 18.35
N TRP A 445 -4.06 5.67 18.90
CA TRP A 445 -4.66 4.33 19.12
C TRP A 445 -3.96 3.61 20.28
N SER A 446 -4.74 2.95 21.14
CA SER A 446 -4.32 2.01 22.21
C SER A 446 -5.37 0.93 22.31
N PRO A 447 -4.97 -0.33 22.59
CA PRO A 447 -5.93 -1.40 22.81
C PRO A 447 -6.71 -1.13 24.12
N LEU A 448 -8.03 -1.38 24.17
CA LEU A 448 -8.82 -1.25 25.44
C LEU A 448 -9.44 -2.60 25.82
N VAL A 449 -9.35 -3.57 24.93
CA VAL A 449 -9.83 -4.96 25.18
C VAL A 449 -8.76 -5.89 24.65
N GLN A 450 -8.05 -6.58 25.54
CA GLN A 450 -7.00 -7.55 25.17
C GLN A 450 -7.14 -8.77 26.08
N GLU A 451 -7.77 -9.82 25.54
CA GLU A 451 -8.08 -11.12 26.17
C GLU A 451 -6.92 -12.10 25.90
N TYR A 452 -6.77 -13.07 26.80
CA TYR A 452 -5.77 -14.15 26.70
C TYR A 452 -6.34 -15.19 25.76
N VAL A 453 -5.48 -15.93 25.07
CA VAL A 453 -5.92 -17.04 24.21
C VAL A 453 -6.08 -18.27 25.10
N PRO A 454 -7.26 -18.93 25.06
CA PRO A 454 -7.49 -20.21 25.74
C PRO A 454 -6.54 -21.35 25.30
N GLY A 455 -6.36 -22.34 26.17
CA GLY A 455 -5.44 -23.47 26.00
C GLY A 455 -4.13 -23.19 26.72
N HIS A 456 -3.16 -24.08 26.60
CA HIS A 456 -1.83 -24.03 27.26
C HIS A 456 -0.77 -24.12 26.17
N SER A 457 0.51 -24.03 26.53
CA SER A 457 1.66 -24.40 25.64
C SER A 457 1.26 -25.54 24.70
N GLY A 458 1.47 -25.33 23.40
CA GLY A 458 1.38 -26.43 22.43
C GLY A 458 -0.04 -26.69 22.01
N GLN A 459 -1.04 -26.14 22.68
CA GLN A 459 -2.44 -26.28 22.22
C GLN A 459 -3.24 -25.04 22.66
N PHE A 460 -3.32 -24.00 21.82
CA PHE A 460 -4.17 -22.82 22.04
C PHE A 460 -5.44 -23.00 21.20
N VAL A 461 -6.56 -22.45 21.66
CA VAL A 461 -7.84 -22.51 20.90
C VAL A 461 -8.38 -21.10 20.76
N LEU A 462 -8.55 -20.64 19.53
CA LEU A 462 -9.12 -19.30 19.28
C LEU A 462 -10.41 -19.42 18.47
N HIS A 463 -11.50 -18.83 18.97
CA HIS A 463 -12.75 -18.55 18.24
C HIS A 463 -12.55 -17.25 17.44
N MET A 464 -13.14 -17.19 16.26
CA MET A 464 -13.29 -15.98 15.41
C MET A 464 -14.66 -16.04 14.74
N ARG A 465 -15.47 -14.99 14.90
CA ARG A 465 -16.77 -14.90 14.19
C ARG A 465 -16.49 -14.75 12.69
N LYS A 466 -17.46 -15.06 11.85
CA LYS A 466 -17.38 -14.74 10.41
C LYS A 466 -16.88 -13.29 10.23
N ALA A 467 -16.13 -13.05 9.16
CA ALA A 467 -15.73 -11.69 8.73
C ALA A 467 -15.08 -10.91 9.91
N SER A 468 -14.01 -11.48 10.46
CA SER A 468 -13.21 -10.91 11.55
C SER A 468 -11.74 -11.22 11.32
N GLY A 469 -10.94 -10.51 12.10
CA GLY A 469 -9.48 -10.60 12.06
C GLY A 469 -8.96 -10.62 13.48
N ALA A 470 -7.73 -11.06 13.65
CA ALA A 470 -7.16 -11.22 15.00
C ALA A 470 -5.65 -11.26 14.86
N LEU A 471 -5.00 -10.63 15.84
CA LEU A 471 -3.55 -10.65 16.02
C LEU A 471 -3.25 -11.29 17.38
N LEU A 472 -2.51 -12.39 17.35
CA LEU A 472 -2.11 -13.16 18.54
C LEU A 472 -0.64 -12.85 18.80
N GLU A 473 -0.31 -12.58 20.05
CA GLU A 473 1.07 -12.32 20.48
C GLU A 473 1.37 -13.21 21.68
N PHE A 474 2.46 -13.98 21.59
CA PHE A 474 2.84 -15.00 22.60
C PHE A 474 4.10 -14.54 23.34
N ALA A 475 4.09 -14.67 24.67
CA ALA A 475 5.19 -14.30 25.59
C ALA A 475 6.45 -15.12 25.31
C4 VGO B . -3.93 5.48 -11.40
C5 VGO B . -4.67 6.31 -10.33
C6 VGO B . -6.15 5.87 -10.17
N1 VGO B . -4.08 4.03 -11.18
C3 VGO B . -5.49 3.62 -11.08
O1 VGO B . -8.20 3.46 -11.10
C1 VGO B . -7.75 3.91 -10.01
O2 VGO B . -8.45 4.05 -8.97
C2 VGO B . -6.27 4.36 -10.00
O3 VGO B . -4.10 5.98 -9.09
O4 VGO B . -4.53 7.69 -10.53
O5 VGO B . -6.97 6.27 -11.28
P PO4 C . -12.74 12.37 -3.74
O1 PO4 C . -11.62 11.40 -4.11
O2 PO4 C . -12.80 13.49 -4.78
O3 PO4 C . -12.51 12.95 -2.35
O4 PO4 C . -14.05 11.60 -3.75
#